data_4RQ9
#
_entry.id   4RQ9
#
_cell.length_a   131.813
_cell.length_b   131.813
_cell.length_c   97.218
_cell.angle_alpha   90.00
_cell.angle_beta   90.00
_cell.angle_gamma   120.00
#
_symmetry.space_group_name_H-M   'P 32 2 1'
#
loop_
_entity.id
_entity.type
_entity.pdbx_description
1 polymer 'Photoreceptor-histidine kinase BphP'
2 non-polymer 'BILIVERDINE IX ALPHA'
3 non-polymer 'S,R MESO-TARTARIC ACID'
4 non-polymer 1,2-ETHANEDIOL
5 non-polymer GLYCEROL
6 water water
#
_entity_poly.entity_id   1
_entity_poly.type   'polypeptide(L)'
_entity_poly.pdbx_seq_one_letter_code
;MGSSHHHHHHSSGLVPRGSHMSTEASRSGKQEVDLTNCDREPIHIPGAIQPHGVLLVLSEPGLVLTHASENAPAVLGNSA
EQLLGAPLGHFIEPSVREPLEADLRSARLKQLNPLKVVWRVDGVDRFFDGIAHRHQGRLILELEPSSHREAVPFLSFFHA
VRDGLSRLRDARDLQELCEAVVQEVRGLTGFDRAIIYRFDAEWNGSVIAEARDARADPYLGLHFPASDIPRQARELYQLN
WLRIIPTIDYQPARVRALPGHGEPLDLSFSVLRSVSPIHLEYLHNMGVQASMSISLMKDGKLWGLISCHQVSGTRYVPYE
VRTACEFLGEVMSSLLAAKEGNEDYDQR
;
_entity_poly.pdbx_strand_id   A
#
loop_
_chem_comp.id
_chem_comp.type
_chem_comp.name
_chem_comp.formula
BLA non-polymer 'BILIVERDINE IX ALPHA' 'C33 H34 N4 O6'
EDO non-polymer 1,2-ETHANEDIOL 'C2 H6 O2'
GOL non-polymer GLYCEROL 'C3 H8 O3'
SRT non-polymer 'S,R MESO-TARTARIC ACID' 'C4 H6 O6'
#
# COMPACT_ATOMS: atom_id res chain seq x y z
N THR A 36 -21.38 -15.20 9.75
CA THR A 36 -20.56 -14.30 8.89
C THR A 36 -19.84 -13.22 9.72
N ASN A 37 -19.34 -13.60 10.90
CA ASN A 37 -18.60 -12.66 11.75
C ASN A 37 -17.42 -12.02 11.02
N CYS A 38 -16.72 -12.84 10.22
CA CYS A 38 -15.57 -12.41 9.44
C CYS A 38 -15.89 -11.18 8.58
N ASP A 39 -16.98 -11.27 7.82
CA ASP A 39 -17.45 -10.21 6.94
C ASP A 39 -17.80 -8.89 7.69
N ARG A 40 -17.99 -8.91 9.01
CA ARG A 40 -18.45 -7.69 9.73
C ARG A 40 -17.43 -6.70 10.27
N GLU A 41 -16.20 -7.13 10.49
CA GLU A 41 -15.18 -6.24 11.01
C GLU A 41 -15.01 -5.04 10.08
N PRO A 42 -15.12 -3.83 10.61
CA PRO A 42 -15.00 -2.66 9.76
C PRO A 42 -13.53 -2.27 9.56
N ILE A 43 -12.91 -2.94 8.61
CA ILE A 43 -11.48 -2.77 8.41
C ILE A 43 -11.05 -1.40 7.90
N HIS A 44 -12.00 -0.64 7.40
CA HIS A 44 -11.68 0.66 6.84
C HIS A 44 -11.58 1.81 7.87
N ILE A 45 -11.99 1.61 9.10
CA ILE A 45 -11.92 2.65 10.15
C ILE A 45 -11.28 2.10 11.43
N PRO A 46 -10.02 1.65 11.36
CA PRO A 46 -9.37 1.12 12.54
C PRO A 46 -8.88 2.20 13.51
N GLY A 47 -8.84 3.45 13.08
CA GLY A 47 -8.36 4.52 13.95
C GLY A 47 -6.83 4.54 14.19
N ALA A 48 -6.08 3.80 13.40
CA ALA A 48 -4.64 3.71 13.58
C ALA A 48 -3.98 3.30 12.30
N ILE A 49 -2.68 3.57 12.24
CA ILE A 49 -1.87 3.24 11.06
C ILE A 49 -0.63 2.45 11.44
N GLN A 50 0.02 1.92 10.41
CA GLN A 50 1.28 1.19 10.54
C GLN A 50 2.30 2.31 10.75
N PRO A 51 3.15 2.18 11.77
CA PRO A 51 3.99 3.33 12.19
C PRO A 51 5.28 3.65 11.43
N HIS A 52 5.52 3.04 10.28
CA HIS A 52 6.75 3.37 9.52
C HIS A 52 6.53 4.62 8.69
N GLY A 53 5.29 5.07 8.58
CA GLY A 53 4.96 6.31 7.95
C GLY A 53 4.09 7.16 8.88
N VAL A 54 3.79 8.38 8.45
CA VAL A 54 2.94 9.25 9.20
C VAL A 54 1.73 9.65 8.36
N LEU A 55 0.58 9.73 9.01
CA LEU A 55 -0.62 10.13 8.33
C LEU A 55 -1.14 11.43 8.90
N LEU A 56 -1.46 12.35 7.99
CA LEU A 56 -2.01 13.65 8.37
C LEU A 56 -3.28 13.87 7.62
N VAL A 57 -4.23 14.61 8.21
CA VAL A 57 -5.42 15.09 7.45
C VAL A 57 -5.33 16.62 7.41
N LEU A 58 -5.61 17.18 6.24
CA LEU A 58 -5.45 18.61 5.98
C LEU A 58 -6.74 19.24 5.58
N SER A 59 -7.04 20.42 6.11
CA SER A 59 -8.26 21.12 5.74
C SER A 59 -8.07 21.72 4.36
N GLU A 60 -9.18 22.07 3.75
CA GLU A 60 -9.18 22.64 2.39
C GLU A 60 -10.02 23.88 2.38
N PRO A 61 -9.49 24.96 1.82
CA PRO A 61 -8.20 25.13 1.15
C PRO A 61 -7.00 25.49 2.03
N GLY A 62 -7.19 25.68 3.33
CA GLY A 62 -6.07 26.16 4.15
C GLY A 62 -4.95 25.24 4.54
N LEU A 63 -5.15 23.93 4.35
CA LEU A 63 -4.13 22.96 4.73
C LEU A 63 -3.77 23.03 6.21
N VAL A 64 -4.78 23.27 7.05
CA VAL A 64 -4.58 23.21 8.49
C VAL A 64 -4.68 21.72 8.86
N LEU A 65 -3.74 21.23 9.66
CA LEU A 65 -3.72 19.84 10.11
C LEU A 65 -4.80 19.57 11.14
N THR A 66 -5.79 18.77 10.75
CA THR A 66 -6.88 18.41 11.67
C THR A 66 -6.70 17.05 12.34
N HIS A 67 -5.82 16.23 11.76
CA HIS A 67 -5.51 14.90 12.30
C HIS A 67 -4.03 14.62 12.14
N ALA A 68 -3.47 13.81 13.02
CA ALA A 68 -2.08 13.41 12.90
C ALA A 68 -1.83 12.15 13.67
N SER A 69 -1.11 11.22 13.05
CA SER A 69 -0.79 9.96 13.70
C SER A 69 0.18 10.28 14.85
N GLU A 70 0.01 9.58 15.96
CA GLU A 70 0.78 9.84 17.18
C GLU A 70 2.26 9.39 17.15
N ASN A 71 2.71 8.76 16.07
CA ASN A 71 4.12 8.36 15.91
C ASN A 71 4.93 9.50 15.24
N ALA A 72 4.31 10.64 15.06
CA ALA A 72 4.98 11.82 14.51
C ALA A 72 6.32 12.22 15.19
N PRO A 73 6.42 12.13 16.53
CA PRO A 73 7.73 12.44 17.16
C PRO A 73 8.86 11.57 16.61
N ALA A 74 8.70 10.26 16.62
CA ALA A 74 9.73 9.41 16.08
C ALA A 74 9.96 9.64 14.58
N VAL A 75 8.92 9.86 13.80
CA VAL A 75 9.15 9.96 12.35
C VAL A 75 9.42 11.38 11.83
N LEU A 76 8.74 12.35 12.40
CA LEU A 76 8.87 13.74 11.93
C LEU A 76 9.67 14.66 12.85
N GLY A 77 9.75 14.33 14.13
CA GLY A 77 10.45 15.16 15.09
C GLY A 77 9.58 16.26 15.68
N ASN A 78 8.27 16.07 15.62
CA ASN A 78 7.29 16.99 16.19
C ASN A 78 6.22 16.18 16.90
N SER A 79 5.64 16.73 17.94
CA SER A 79 4.55 16.07 18.65
C SER A 79 3.18 16.40 18.02
N ALA A 80 2.18 15.61 18.36
CA ALA A 80 0.81 15.86 17.92
C ALA A 80 0.31 17.24 18.37
N GLU A 81 0.73 17.70 19.55
CA GLU A 81 0.28 19.00 20.07
C GLU A 81 0.84 20.13 19.22
N GLN A 82 2.04 19.92 18.70
CA GLN A 82 2.65 20.94 17.86
C GLN A 82 2.02 20.98 16.49
N LEU A 83 1.47 19.85 16.07
CA LEU A 83 0.93 19.70 14.75
C LEU A 83 -0.55 20.04 14.59
N LEU A 84 -1.38 19.62 15.54
CA LEU A 84 -2.80 19.80 15.37
C LEU A 84 -3.20 21.27 15.37
N GLY A 85 -3.78 21.72 14.27
CA GLY A 85 -4.25 23.09 14.16
C GLY A 85 -3.26 24.01 13.48
N ALA A 86 -2.05 23.51 13.22
CA ALA A 86 -1.03 24.31 12.56
C ALA A 86 -1.17 24.14 11.06
N PRO A 87 -0.81 25.17 10.30
CA PRO A 87 -0.82 25.04 8.82
C PRO A 87 0.37 24.21 8.36
N LEU A 88 0.17 23.37 7.35
CA LEU A 88 1.22 22.48 6.86
C LEU A 88 2.51 23.21 6.55
N GLY A 89 2.40 24.36 5.93
CA GLY A 89 3.57 25.15 5.54
C GLY A 89 4.57 25.48 6.64
N HIS A 90 4.11 25.57 7.87
CA HIS A 90 5.02 25.90 8.95
C HIS A 90 6.11 24.83 9.10
N PHE A 91 5.89 23.63 8.60
CA PHE A 91 6.83 22.53 8.75
C PHE A 91 7.66 22.21 7.52
N ILE A 92 7.37 22.89 6.42
CA ILE A 92 8.03 22.59 5.17
C ILE A 92 9.20 23.51 4.84
N GLU A 93 10.30 22.93 4.37
CA GLU A 93 11.45 23.70 3.90
C GLU A 93 10.90 24.70 2.87
N PRO A 94 11.19 26.01 3.03
CA PRO A 94 10.59 27.07 2.17
C PRO A 94 10.71 27.00 0.65
N SER A 95 11.82 26.52 0.11
CA SER A 95 11.95 26.46 -1.35
C SER A 95 11.02 25.41 -1.97
N VAL A 96 10.52 24.51 -1.13
CA VAL A 96 9.61 23.44 -1.53
C VAL A 96 8.15 23.70 -1.12
N ARG A 97 7.90 24.76 -0.35
CA ARG A 97 6.57 25.05 0.17
C ARG A 97 5.52 25.31 -0.90
N GLU A 98 5.72 26.32 -1.75
CA GLU A 98 4.69 26.73 -2.73
C GLU A 98 4.23 25.57 -3.59
N PRO A 99 5.17 24.84 -4.21
CA PRO A 99 4.77 23.75 -5.10
C PRO A 99 4.02 22.63 -4.40
N LEU A 100 4.46 22.25 -3.21
CA LEU A 100 3.76 21.23 -2.44
C LEU A 100 2.33 21.66 -2.15
N GLU A 101 2.16 22.93 -1.79
CA GLU A 101 0.84 23.43 -1.45
C GLU A 101 -0.05 23.52 -2.67
N ALA A 102 0.56 23.83 -3.80
CA ALA A 102 -0.20 23.96 -5.04
C ALA A 102 -0.66 22.59 -5.47
N ASP A 103 0.20 21.60 -5.29
CA ASP A 103 -0.16 20.23 -5.62
C ASP A 103 -1.28 19.72 -4.74
N LEU A 104 -1.22 19.99 -3.43
CA LEU A 104 -2.24 19.51 -2.52
C LEU A 104 -3.56 20.14 -2.81
N ARG A 105 -3.56 21.33 -3.39
CA ARG A 105 -4.82 21.98 -3.72
C ARG A 105 -5.33 21.64 -5.10
N SER A 106 -4.55 20.90 -5.87
CA SER A 106 -4.93 20.59 -7.23
C SER A 106 -5.98 19.50 -7.37
N ALA A 107 -6.83 19.63 -8.37
CA ALA A 107 -7.84 18.62 -8.65
C ALA A 107 -7.18 17.39 -9.30
N ARG A 108 -6.00 17.54 -9.87
CA ARG A 108 -5.31 16.42 -10.49
C ARG A 108 -4.35 15.73 -9.50
N LEU A 109 -4.70 15.76 -8.21
CA LEU A 109 -3.83 15.25 -7.16
C LEU A 109 -3.37 13.82 -7.35
N LYS A 110 -4.29 12.99 -7.80
CA LYS A 110 -4.01 11.60 -8.00
C LYS A 110 -2.88 11.39 -9.00
N GLN A 111 -2.77 12.27 -9.98
CA GLN A 111 -1.75 12.18 -11.03
C GLN A 111 -0.45 12.88 -10.62
N LEU A 112 -0.46 13.58 -9.50
CA LEU A 112 0.73 14.27 -9.09
C LEU A 112 1.59 13.46 -8.10
N ASN A 113 1.01 12.45 -7.46
CA ASN A 113 1.79 11.61 -6.56
C ASN A 113 2.92 10.94 -7.29
N PRO A 114 4.06 10.76 -6.61
CA PRO A 114 4.35 11.13 -5.23
C PRO A 114 4.80 12.57 -5.11
N LEU A 115 4.49 13.17 -3.97
CA LEU A 115 4.85 14.55 -3.72
C LEU A 115 6.18 14.63 -3.01
N LYS A 116 6.97 15.63 -3.35
CA LYS A 116 8.25 15.83 -2.73
C LYS A 116 8.01 16.62 -1.45
N VAL A 117 8.17 15.97 -0.30
CA VAL A 117 7.96 16.60 0.96
C VAL A 117 9.25 16.63 1.73
N VAL A 118 9.71 17.85 2.03
CA VAL A 118 10.89 18.09 2.81
C VAL A 118 10.44 18.73 4.11
N TRP A 119 10.60 17.98 5.19
CA TRP A 119 10.14 18.39 6.51
C TRP A 119 11.28 19.02 7.28
N ARG A 120 11.09 20.26 7.68
CA ARG A 120 12.10 21.01 8.38
C ARG A 120 11.80 21.29 9.83
N VAL A 121 12.64 20.75 10.70
CA VAL A 121 12.50 20.92 12.13
C VAL A 121 13.89 21.22 12.75
N ASP A 122 13.98 22.40 13.36
CA ASP A 122 15.22 22.89 13.97
C ASP A 122 16.36 22.90 12.98
N GLY A 123 16.15 23.64 11.90
CA GLY A 123 17.14 23.77 10.83
C GLY A 123 17.61 22.50 10.15
N VAL A 124 17.00 21.36 10.45
CA VAL A 124 17.37 20.09 9.85
C VAL A 124 16.25 19.51 9.00
N ASP A 125 16.60 19.06 7.80
CA ASP A 125 15.64 18.50 6.86
C ASP A 125 15.52 16.98 6.83
N ARG A 126 14.28 16.50 6.80
CA ARG A 126 14.00 15.07 6.62
C ARG A 126 13.19 14.94 5.34
N PHE A 127 13.47 13.90 4.57
CA PHE A 127 12.88 13.74 3.26
C PHE A 127 11.87 12.62 3.20
N PHE A 128 10.77 12.89 2.49
CA PHE A 128 9.67 11.96 2.40
C PHE A 128 9.00 11.96 1.07
N ASP A 129 8.45 10.80 0.72
CA ASP A 129 7.54 10.72 -0.42
C ASP A 129 6.18 10.93 0.20
N GLY A 130 5.46 11.91 -0.31
CA GLY A 130 4.12 12.16 0.16
C GLY A 130 3.20 11.51 -0.84
N ILE A 131 2.18 10.83 -0.34
CA ILE A 131 1.17 10.27 -1.16
C ILE A 131 -0.16 10.85 -0.63
N ALA A 132 -0.83 11.66 -1.42
CA ALA A 132 -2.04 12.30 -0.95
C ALA A 132 -3.27 11.88 -1.73
N HIS A 133 -4.42 11.88 -1.07
CA HIS A 133 -5.65 11.54 -1.77
C HIS A 133 -6.84 12.15 -1.03
N ARG A 134 -7.99 12.18 -1.69
CA ARG A 134 -9.24 12.68 -1.13
C ARG A 134 -10.22 11.54 -1.03
N HIS A 135 -10.87 11.42 0.11
CA HIS A 135 -11.90 10.39 0.26
C HIS A 135 -12.83 10.79 1.40
N GLN A 136 -14.11 10.58 1.17
CA GLN A 136 -15.16 10.99 2.10
C GLN A 136 -14.99 12.44 2.59
N GLY A 137 -14.62 13.36 1.70
CA GLY A 137 -14.50 14.75 2.09
C GLY A 137 -13.26 15.13 2.87
N ARG A 138 -12.28 14.22 2.98
CA ARG A 138 -11.07 14.56 3.71
C ARG A 138 -9.91 14.49 2.76
N LEU A 139 -8.93 15.33 3.02
CA LEU A 139 -7.69 15.33 2.25
C LEU A 139 -6.64 14.68 3.15
N ILE A 140 -6.15 13.52 2.73
CA ILE A 140 -5.20 12.73 3.50
C ILE A 140 -3.82 12.74 2.87
N LEU A 141 -2.83 13.05 3.68
CA LEU A 141 -1.44 13.08 3.23
C LEU A 141 -0.66 12.06 4.04
N GLU A 142 -0.09 11.06 3.36
CA GLU A 142 0.72 10.03 4.02
C GLU A 142 2.16 10.23 3.66
N LEU A 143 3.02 10.15 4.67
CA LEU A 143 4.43 10.42 4.47
C LEU A 143 5.27 9.21 4.79
N GLU A 144 6.08 8.79 3.81
CA GLU A 144 7.00 7.65 3.98
C GLU A 144 8.40 8.13 3.70
N PRO A 145 9.35 7.77 4.55
CA PRO A 145 10.77 8.15 4.36
C PRO A 145 11.26 7.87 2.93
N SER A 146 11.96 8.82 2.33
CA SER A 146 12.48 8.68 0.97
C SER A 146 13.62 7.68 0.99
N SER A 147 13.60 6.78 0.00
CA SER A 147 14.61 5.74 -0.10
C SER A 147 15.70 6.15 -1.08
N HIS A 148 16.79 5.38 -1.10
CA HIS A 148 17.96 5.58 -1.99
C HIS A 148 17.98 6.94 -2.67
N ARG A 149 18.38 7.95 -1.92
CA ARG A 149 18.38 9.32 -2.44
C ARG A 149 19.52 9.64 -3.43
N GLU A 150 20.47 8.70 -3.56
CA GLU A 150 21.61 8.84 -4.49
C GLU A 150 21.32 8.17 -5.86
N ALA A 151 20.32 7.27 -5.90
CA ALA A 151 19.94 6.60 -7.15
C ALA A 151 19.28 7.66 -8.03
N VAL A 152 19.28 7.46 -9.35
CA VAL A 152 18.61 8.39 -10.23
C VAL A 152 17.12 8.21 -9.95
N PRO A 153 16.43 9.27 -9.54
CA PRO A 153 15.03 9.05 -9.20
C PRO A 153 14.22 8.58 -10.40
N PHE A 154 13.40 7.55 -10.20
CA PHE A 154 12.50 6.94 -11.21
C PHE A 154 13.16 6.15 -12.33
N LEU A 155 14.47 6.01 -12.29
CA LEU A 155 15.14 5.21 -13.28
C LEU A 155 14.79 3.74 -13.05
N SER A 156 14.69 3.32 -11.80
CA SER A 156 14.37 1.92 -11.58
C SER A 156 12.92 1.59 -11.99
N PHE A 157 11.99 2.53 -11.82
CA PHE A 157 10.61 2.32 -12.30
C PHE A 157 10.60 2.15 -13.83
N PHE A 158 11.33 3.03 -14.51
CA PHE A 158 11.47 2.99 -15.97
C PHE A 158 11.93 1.60 -16.47
N HIS A 159 13.02 1.09 -15.93
CA HIS A 159 13.47 -0.23 -16.36
C HIS A 159 12.52 -1.37 -15.97
N ALA A 160 11.99 -1.26 -14.76
CA ALA A 160 11.10 -2.28 -14.26
C ALA A 160 9.88 -2.49 -15.15
N VAL A 161 9.18 -1.41 -15.50
CA VAL A 161 7.96 -1.56 -16.30
C VAL A 161 8.26 -1.86 -17.78
N ARG A 162 9.39 -1.39 -18.28
CA ARG A 162 9.78 -1.73 -19.68
C ARG A 162 10.16 -3.18 -19.80
N ASP A 163 11.05 -3.64 -18.93
CA ASP A 163 11.47 -5.04 -18.98
C ASP A 163 10.29 -5.95 -18.65
N GLY A 164 9.48 -5.53 -17.68
CA GLY A 164 8.34 -6.31 -17.26
C GLY A 164 7.29 -6.44 -18.33
N LEU A 165 6.99 -5.35 -19.02
CA LEU A 165 5.99 -5.40 -20.06
C LEU A 165 6.39 -6.39 -21.15
N SER A 166 7.65 -6.39 -21.55
N SER A 166 7.66 -6.37 -21.54
CA SER A 166 8.05 -7.30 -22.62
CA SER A 166 8.13 -7.28 -22.58
C SER A 166 7.96 -8.74 -22.15
C SER A 166 7.92 -8.71 -22.12
N ARG A 167 8.35 -9.01 -20.89
CA ARG A 167 8.21 -10.35 -20.35
C ARG A 167 6.75 -10.80 -20.34
N LEU A 168 5.84 -9.90 -19.96
CA LEU A 168 4.44 -10.27 -19.91
C LEU A 168 3.86 -10.47 -21.30
N ARG A 169 4.31 -9.67 -22.27
CA ARG A 169 3.83 -9.82 -23.66
C ARG A 169 4.30 -11.10 -24.32
N ASP A 170 5.41 -11.66 -23.86
CA ASP A 170 5.88 -12.94 -24.42
C ASP A 170 5.02 -14.11 -23.99
N ALA A 171 4.22 -13.96 -22.93
CA ALA A 171 3.41 -15.07 -22.49
C ALA A 171 2.41 -15.46 -23.57
N ARG A 172 2.34 -16.75 -23.88
CA ARG A 172 1.44 -17.22 -24.91
C ARG A 172 0.09 -17.66 -24.38
N ASP A 173 -0.04 -17.84 -23.07
CA ASP A 173 -1.34 -18.24 -22.51
C ASP A 173 -1.45 -17.77 -21.04
N LEU A 174 -2.60 -18.03 -20.43
CA LEU A 174 -2.87 -17.58 -19.06
C LEU A 174 -1.82 -18.11 -18.06
N GLN A 175 -1.44 -19.38 -18.17
CA GLN A 175 -0.42 -19.91 -17.25
C GLN A 175 0.88 -19.18 -17.40
N GLU A 176 1.34 -18.96 -18.65
CA GLU A 176 2.64 -18.31 -18.85
C GLU A 176 2.58 -16.89 -18.33
N LEU A 177 1.43 -16.26 -18.50
CA LEU A 177 1.25 -14.89 -17.99
C LEU A 177 1.41 -14.88 -16.47
N CYS A 178 0.72 -15.81 -15.81
CA CYS A 178 0.80 -15.90 -14.35
C CYS A 178 2.23 -16.15 -13.87
N GLU A 179 2.93 -17.03 -14.55
CA GLU A 179 4.29 -17.38 -14.20
C GLU A 179 5.23 -16.21 -14.41
N ALA A 180 5.05 -15.48 -15.50
CA ALA A 180 5.92 -14.36 -15.80
C ALA A 180 5.73 -13.28 -14.74
N VAL A 181 4.49 -13.03 -14.36
CA VAL A 181 4.21 -12.01 -13.36
C VAL A 181 4.83 -12.30 -12.00
N VAL A 182 4.68 -13.52 -11.52
CA VAL A 182 5.24 -13.80 -10.19
C VAL A 182 6.75 -13.81 -10.24
N GLN A 183 7.32 -14.20 -11.36
CA GLN A 183 8.76 -14.22 -11.47
C GLN A 183 9.30 -12.77 -11.43
N GLU A 184 8.61 -11.91 -12.16
CA GLU A 184 8.99 -10.52 -12.25
C GLU A 184 8.84 -9.78 -10.90
N VAL A 185 7.69 -9.96 -10.25
CA VAL A 185 7.44 -9.32 -8.97
C VAL A 185 8.42 -9.80 -7.90
N ARG A 186 8.70 -11.09 -7.89
CA ARG A 186 9.66 -11.60 -6.92
C ARG A 186 11.06 -11.01 -7.23
N GLY A 187 11.41 -10.96 -8.51
CA GLY A 187 12.67 -10.41 -8.92
C GLY A 187 12.84 -8.95 -8.45
N LEU A 188 11.79 -8.17 -8.55
CA LEU A 188 11.92 -6.77 -8.20
C LEU A 188 11.92 -6.48 -6.73
N THR A 189 11.20 -7.29 -5.97
CA THR A 189 10.98 -7.03 -4.57
C THR A 189 11.88 -7.80 -3.65
N GLY A 190 12.36 -8.96 -4.10
CA GLY A 190 13.12 -9.86 -3.24
C GLY A 190 12.22 -10.64 -2.29
N PHE A 191 10.90 -10.60 -2.47
CA PHE A 191 10.04 -11.42 -1.57
C PHE A 191 10.38 -12.92 -1.67
N ASP A 192 10.29 -13.62 -0.55
CA ASP A 192 10.55 -15.05 -0.52
C ASP A 192 9.53 -15.84 -1.35
N ARG A 193 8.29 -15.37 -1.40
CA ARG A 193 7.26 -16.02 -2.21
C ARG A 193 6.36 -15.00 -2.88
N ALA A 194 6.00 -15.28 -4.12
CA ALA A 194 5.03 -14.49 -4.85
C ALA A 194 4.12 -15.46 -5.57
N ILE A 195 2.81 -15.28 -5.42
CA ILE A 195 1.88 -16.16 -6.12
C ILE A 195 0.79 -15.41 -6.83
N ILE A 196 0.08 -16.12 -7.70
CA ILE A 196 -1.18 -15.64 -8.25
C ILE A 196 -2.26 -16.45 -7.54
N TYR A 197 -3.20 -15.76 -6.89
CA TYR A 197 -4.26 -16.38 -6.15
C TYR A 197 -5.51 -16.07 -6.92
N ARG A 198 -6.18 -17.09 -7.44
CA ARG A 198 -7.33 -16.85 -8.28
C ARG A 198 -8.63 -17.21 -7.59
N PHE A 199 -9.63 -16.33 -7.68
CA PHE A 199 -10.90 -16.59 -7.03
C PHE A 199 -11.81 -17.41 -7.91
N ASP A 200 -12.60 -18.29 -7.32
CA ASP A 200 -13.54 -19.04 -8.14
C ASP A 200 -14.92 -18.38 -7.96
N ALA A 201 -15.97 -18.99 -8.51
CA ALA A 201 -17.29 -18.40 -8.48
C ALA A 201 -17.88 -18.23 -7.09
N GLU A 202 -17.43 -18.98 -6.11
N GLU A 202 -17.41 -19.05 -6.14
CA GLU A 202 -17.97 -18.78 -4.77
CA GLU A 202 -17.86 -18.99 -4.73
C GLU A 202 -16.97 -18.04 -3.88
C GLU A 202 -16.97 -18.06 -3.88
N TRP A 203 -15.97 -17.44 -4.50
CA TRP A 203 -14.94 -16.62 -3.81
C TRP A 203 -13.91 -17.42 -3.00
N ASN A 204 -13.87 -18.72 -3.27
CA ASN A 204 -12.81 -19.56 -2.75
C ASN A 204 -11.60 -19.23 -3.62
N GLY A 205 -10.40 -19.54 -3.16
CA GLY A 205 -9.24 -19.24 -3.94
C GLY A 205 -8.32 -20.42 -4.21
N SER A 206 -7.49 -20.24 -5.21
N SER A 206 -7.50 -20.28 -5.24
CA SER A 206 -6.57 -21.24 -5.68
CA SER A 206 -6.52 -21.27 -5.63
C SER A 206 -5.19 -20.62 -6.04
C SER A 206 -5.20 -20.62 -6.00
N VAL A 207 -4.10 -21.24 -5.59
CA VAL A 207 -2.77 -20.75 -5.89
C VAL A 207 -2.40 -21.36 -7.23
N ILE A 208 -2.47 -20.56 -8.29
CA ILE A 208 -2.20 -21.09 -9.63
C ILE A 208 -0.82 -20.84 -10.20
N ALA A 209 0.00 -20.03 -9.56
CA ALA A 209 1.36 -19.83 -10.01
C ALA A 209 2.15 -19.35 -8.80
N GLU A 210 3.45 -19.65 -8.81
CA GLU A 210 4.27 -19.41 -7.65
C GLU A 210 5.71 -19.31 -8.03
N ALA A 211 6.39 -18.32 -7.46
CA ALA A 211 7.82 -18.15 -7.63
C ALA A 211 8.31 -18.00 -6.21
N ARG A 212 9.42 -18.62 -5.88
CA ARG A 212 9.87 -18.56 -4.52
C ARG A 212 11.30 -18.95 -4.32
N ASP A 213 11.83 -18.51 -3.19
CA ASP A 213 13.11 -18.95 -2.72
C ASP A 213 12.89 -20.35 -2.15
N ALA A 214 13.95 -21.16 -2.08
CA ALA A 214 13.87 -22.53 -1.56
C ALA A 214 13.48 -22.64 -0.08
N ARG A 215 13.79 -21.63 0.72
CA ARG A 215 13.42 -21.63 2.14
C ARG A 215 11.90 -21.46 2.41
N ALA A 216 11.12 -21.17 1.37
CA ALA A 216 9.67 -21.03 1.56
C ALA A 216 8.96 -22.29 1.09
N ASP A 217 8.06 -22.77 1.89
CA ASP A 217 7.27 -23.94 1.50
C ASP A 217 6.45 -23.62 0.25
N PRO A 218 6.27 -24.60 -0.60
CA PRO A 218 5.48 -24.32 -1.78
C PRO A 218 3.97 -24.38 -1.50
N TYR A 219 3.26 -23.33 -1.89
CA TYR A 219 1.83 -23.28 -1.79
C TYR A 219 1.15 -23.55 -3.14
N LEU A 220 1.94 -23.74 -4.20
CA LEU A 220 1.35 -24.02 -5.53
C LEU A 220 0.31 -25.13 -5.47
N GLY A 221 -0.88 -24.88 -6.02
CA GLY A 221 -1.92 -25.89 -6.07
C GLY A 221 -2.89 -25.94 -4.91
N LEU A 222 -2.60 -25.25 -3.83
CA LEU A 222 -3.50 -25.23 -2.68
C LEU A 222 -4.72 -24.37 -2.94
N HIS A 223 -5.85 -24.83 -2.42
N HIS A 223 -5.86 -24.81 -2.40
CA HIS A 223 -7.10 -24.13 -2.51
CA HIS A 223 -7.14 -24.14 -2.51
C HIS A 223 -7.50 -23.74 -1.09
C HIS A 223 -7.56 -23.77 -1.09
N PHE A 224 -8.08 -22.55 -0.93
CA PHE A 224 -8.52 -22.07 0.38
C PHE A 224 -9.96 -21.56 0.34
N PRO A 225 -10.64 -21.64 1.48
CA PRO A 225 -12.04 -21.20 1.60
C PRO A 225 -12.16 -19.69 1.45
N ALA A 226 -13.33 -19.24 1.03
CA ALA A 226 -13.59 -17.83 0.78
C ALA A 226 -13.37 -16.95 1.99
N SER A 227 -13.68 -17.48 3.16
CA SER A 227 -13.58 -16.69 4.41
C SER A 227 -12.18 -16.26 4.75
N ASP A 228 -11.16 -16.87 4.15
CA ASP A 228 -9.78 -16.45 4.41
C ASP A 228 -9.54 -15.02 3.89
N ILE A 229 -10.36 -14.58 2.93
CA ILE A 229 -10.32 -13.18 2.49
C ILE A 229 -11.79 -12.76 2.42
N PRO A 230 -12.32 -12.32 3.57
CA PRO A 230 -13.75 -12.08 3.70
C PRO A 230 -14.30 -10.95 2.83
N ARG A 231 -15.62 -10.94 2.73
CA ARG A 231 -16.33 -10.06 1.83
C ARG A 231 -15.99 -8.58 1.88
N GLN A 232 -15.94 -8.00 3.06
CA GLN A 232 -15.66 -6.59 3.14
C GLN A 232 -14.25 -6.31 2.65
N ALA A 233 -13.35 -7.26 2.83
CA ALA A 233 -11.97 -7.12 2.35
C ALA A 233 -11.95 -7.16 0.83
N ARG A 234 -12.64 -8.14 0.24
CA ARG A 234 -12.72 -8.23 -1.23
C ARG A 234 -13.36 -6.97 -1.85
N GLU A 235 -14.34 -6.41 -1.19
CA GLU A 235 -14.97 -5.19 -1.70
C GLU A 235 -13.99 -4.05 -1.66
N LEU A 236 -13.19 -3.98 -0.61
CA LEU A 236 -12.25 -2.92 -0.50
C LEU A 236 -11.17 -3.12 -1.55
N TYR A 237 -10.76 -4.36 -1.78
CA TYR A 237 -9.68 -4.59 -2.69
C TYR A 237 -10.12 -4.39 -4.12
N GLN A 238 -11.42 -4.30 -4.37
CA GLN A 238 -11.86 -3.95 -5.75
C GLN A 238 -11.66 -2.49 -6.03
N LEU A 239 -11.55 -1.70 -4.97
CA LEU A 239 -11.42 -0.27 -5.09
C LEU A 239 -9.98 0.23 -4.93
N ASN A 240 -9.27 -0.35 -3.97
CA ASN A 240 -7.90 0.00 -3.66
C ASN A 240 -7.06 -1.25 -4.00
N TRP A 241 -6.27 -1.16 -5.06
CA TRP A 241 -5.53 -2.30 -5.62
C TRP A 241 -4.20 -2.70 -5.00
N LEU A 242 -3.80 -2.02 -3.93
CA LEU A 242 -2.57 -2.28 -3.28
C LEU A 242 -2.67 -2.28 -1.76
N ARG A 243 -1.96 -3.22 -1.13
CA ARG A 243 -1.81 -3.22 0.31
C ARG A 243 -0.42 -3.76 0.59
N ILE A 244 0.21 -3.21 1.62
CA ILE A 244 1.49 -3.65 2.03
C ILE A 244 1.62 -3.58 3.54
N ILE A 245 2.21 -4.65 4.07
CA ILE A 245 2.45 -4.85 5.49
C ILE A 245 3.92 -5.25 5.63
N PRO A 246 4.81 -4.26 5.82
CA PRO A 246 6.25 -4.53 5.87
C PRO A 246 6.73 -5.31 7.10
N THR A 247 5.92 -5.33 8.14
CA THR A 247 6.15 -6.18 9.29
C THR A 247 4.81 -6.42 9.98
N ILE A 248 4.55 -7.66 10.39
CA ILE A 248 3.30 -7.97 11.08
C ILE A 248 3.39 -7.67 12.55
N ASP A 249 4.60 -7.37 13.04
CA ASP A 249 4.78 -7.02 14.44
C ASP A 249 4.95 -5.54 14.51
N TYR A 250 3.92 -4.82 14.90
CA TYR A 250 4.06 -3.36 14.96
C TYR A 250 3.07 -2.83 15.95
N GLN A 251 3.41 -1.70 16.55
N GLN A 251 3.39 -1.71 16.59
CA GLN A 251 2.50 -1.00 17.46
CA GLN A 251 2.44 -1.11 17.51
C GLN A 251 1.66 -0.05 16.59
C GLN A 251 1.65 -0.08 16.67
N PRO A 252 0.34 -0.29 16.49
CA PRO A 252 -0.49 0.66 15.70
C PRO A 252 -0.42 2.05 16.27
N ALA A 253 -0.27 3.06 15.42
CA ALA A 253 -0.23 4.44 15.89
C ALA A 253 -1.60 5.08 15.70
N ARG A 254 -2.24 5.49 16.79
CA ARG A 254 -3.55 6.10 16.76
C ARG A 254 -3.48 7.44 16.04
N VAL A 255 -4.54 7.76 15.32
CA VAL A 255 -4.63 9.04 14.62
C VAL A 255 -5.37 9.99 15.55
N ARG A 256 -4.68 11.01 16.03
N ARG A 256 -4.71 11.01 16.06
CA ARG A 256 -5.24 12.03 16.91
CA ARG A 256 -5.42 11.92 16.93
C ARG A 256 -5.95 13.07 16.06
C ARG A 256 -5.91 13.10 16.12
N ALA A 257 -6.98 13.74 16.60
CA ALA A 257 -7.64 14.80 15.88
C ALA A 257 -7.97 15.98 16.77
N LEU A 258 -8.22 17.15 16.18
CA LEU A 258 -8.64 18.31 16.91
C LEU A 258 -9.99 18.02 17.55
N PRO A 259 -10.34 18.73 18.62
CA PRO A 259 -11.69 18.57 19.17
C PRO A 259 -12.72 18.89 18.08
N GLY A 260 -13.78 18.09 18.01
CA GLY A 260 -14.80 18.26 17.01
C GLY A 260 -14.55 17.47 15.74
N HIS A 261 -13.33 16.96 15.55
CA HIS A 261 -12.98 16.21 14.36
C HIS A 261 -12.69 14.74 14.66
N GLY A 262 -13.16 14.24 15.78
CA GLY A 262 -12.91 12.85 16.19
C GLY A 262 -13.80 11.73 15.64
N GLU A 263 -14.65 12.01 14.67
CA GLU A 263 -15.42 10.92 14.08
C GLU A 263 -14.43 9.93 13.44
N PRO A 264 -14.86 8.69 13.23
CA PRO A 264 -13.89 7.77 12.64
C PRO A 264 -13.42 8.23 11.25
N LEU A 265 -12.14 8.05 10.97
CA LEU A 265 -11.54 8.46 9.74
C LEU A 265 -11.51 7.29 8.77
N ASP A 266 -12.12 7.47 7.61
CA ASP A 266 -12.23 6.42 6.64
C ASP A 266 -10.91 6.27 5.91
N LEU A 267 -10.19 5.22 6.23
CA LEU A 267 -8.88 4.96 5.68
C LEU A 267 -8.86 3.96 4.50
N SER A 268 -9.98 3.83 3.82
CA SER A 268 -10.07 2.88 2.70
C SER A 268 -8.93 3.01 1.69
N PHE A 269 -8.51 4.23 1.37
CA PHE A 269 -7.47 4.46 0.39
C PHE A 269 -6.14 4.85 0.96
N SER A 270 -5.94 4.55 2.23
N SER A 270 -5.90 4.62 2.25
CA SER A 270 -4.70 4.88 2.93
CA SER A 270 -4.60 4.99 2.81
C SER A 270 -3.69 3.73 2.96
C SER A 270 -3.71 3.76 2.80
N VAL A 271 -2.54 4.02 2.39
N VAL A 271 -2.47 3.94 2.39
CA VAL A 271 -1.44 3.08 2.28
CA VAL A 271 -1.58 2.83 2.31
C VAL A 271 -0.95 2.56 3.63
C VAL A 271 -1.07 2.44 3.70
N LEU A 272 -1.10 3.38 4.67
CA LEU A 272 -0.65 3.04 6.01
C LEU A 272 -1.73 2.48 6.92
N ARG A 273 -2.95 2.33 6.42
CA ARG A 273 -4.03 1.77 7.24
C ARG A 273 -3.60 0.55 8.04
N SER A 274 -3.86 0.57 9.33
CA SER A 274 -3.55 -0.60 10.17
C SER A 274 -4.48 -1.71 9.74
N VAL A 275 -3.94 -2.91 9.59
CA VAL A 275 -4.78 -4.01 9.09
C VAL A 275 -5.42 -4.83 10.19
N SER A 276 -6.41 -5.61 9.80
CA SER A 276 -7.11 -6.48 10.71
C SER A 276 -6.17 -7.33 11.53
N PRO A 277 -6.33 -7.29 12.85
CA PRO A 277 -5.53 -8.11 13.76
C PRO A 277 -5.70 -9.60 13.53
N ILE A 278 -6.89 -9.99 13.09
N ILE A 278 -6.88 -10.01 13.08
CA ILE A 278 -7.18 -11.38 12.81
CA ILE A 278 -7.08 -11.43 12.86
C ILE A 278 -6.29 -11.86 11.65
C ILE A 278 -6.29 -11.88 11.63
N HIS A 279 -6.11 -10.98 10.66
CA HIS A 279 -5.28 -11.27 9.50
C HIS A 279 -3.82 -11.29 9.91
N LEU A 280 -3.41 -10.42 10.82
CA LEU A 280 -2.04 -10.50 11.29
C LEU A 280 -1.77 -11.87 11.97
N GLU A 281 -2.74 -12.40 12.71
CA GLU A 281 -2.58 -13.75 13.30
C GLU A 281 -2.48 -14.82 12.21
N TYR A 282 -3.25 -14.69 11.15
CA TYR A 282 -3.20 -15.65 10.07
C TYR A 282 -1.80 -15.66 9.47
N LEU A 283 -1.24 -14.48 9.20
CA LEU A 283 0.12 -14.43 8.65
C LEU A 283 1.08 -15.05 9.65
N HIS A 284 0.96 -14.68 10.92
CA HIS A 284 1.85 -15.23 11.95
C HIS A 284 1.82 -16.77 11.96
N ASN A 285 0.62 -17.32 11.89
CA ASN A 285 0.47 -18.75 11.93
C ASN A 285 0.97 -19.41 10.65
N MET A 286 0.96 -18.65 9.58
CA MET A 286 1.42 -19.15 8.30
C MET A 286 2.96 -19.07 8.25
N GLY A 287 3.57 -18.40 9.23
CA GLY A 287 5.03 -18.20 9.24
C GLY A 287 5.51 -17.04 8.36
N VAL A 288 4.64 -16.05 8.14
CA VAL A 288 4.93 -14.90 7.28
C VAL A 288 5.20 -13.68 8.14
N GLN A 289 6.33 -12.99 7.93
CA GLN A 289 6.68 -11.76 8.67
C GLN A 289 6.27 -10.48 7.96
N ALA A 290 6.09 -10.54 6.64
CA ALA A 290 5.74 -9.38 5.88
C ALA A 290 4.98 -9.80 4.64
N SER A 291 4.19 -8.90 4.11
CA SER A 291 3.32 -9.25 3.02
C SER A 291 3.05 -8.05 2.13
N MET A 292 2.62 -8.32 0.91
CA MET A 292 2.20 -7.30 -0.05
C MET A 292 1.28 -7.97 -1.07
N SER A 293 0.12 -7.38 -1.35
CA SER A 293 -0.73 -7.94 -2.38
C SER A 293 -1.32 -6.85 -3.29
N ILE A 294 -1.63 -7.26 -4.50
CA ILE A 294 -2.11 -6.41 -5.55
C ILE A 294 -3.33 -7.03 -6.21
N SER A 295 -4.41 -6.27 -6.30
CA SER A 295 -5.65 -6.77 -6.87
C SER A 295 -5.52 -6.99 -8.36
N LEU A 296 -6.10 -8.06 -8.87
CA LEU A 296 -6.14 -8.33 -10.29
C LEU A 296 -7.61 -8.18 -10.68
N MET A 297 -7.89 -7.29 -11.63
CA MET A 297 -9.26 -6.95 -12.02
C MET A 297 -9.61 -7.39 -13.43
N LYS A 298 -10.87 -7.79 -13.62
CA LYS A 298 -11.38 -8.18 -14.92
C LYS A 298 -12.84 -7.84 -15.03
N ASP A 299 -13.19 -7.08 -16.06
CA ASP A 299 -14.57 -6.63 -16.28
C ASP A 299 -15.09 -5.94 -15.03
N GLY A 300 -14.24 -5.16 -14.37
CA GLY A 300 -14.65 -4.44 -13.17
C GLY A 300 -14.81 -5.27 -11.90
N LYS A 301 -14.49 -6.56 -11.94
CA LYS A 301 -14.62 -7.42 -10.76
C LYS A 301 -13.26 -7.94 -10.32
N LEU A 302 -13.10 -8.16 -9.02
CA LEU A 302 -11.88 -8.77 -8.51
C LEU A 302 -11.74 -10.23 -9.00
N TRP A 303 -10.66 -10.50 -9.73
CA TRP A 303 -10.41 -11.79 -10.34
C TRP A 303 -9.43 -12.64 -9.53
N GLY A 304 -8.49 -11.97 -8.87
CA GLY A 304 -7.46 -12.64 -8.12
C GLY A 304 -6.53 -11.64 -7.50
N LEU A 305 -5.46 -12.15 -6.92
CA LEU A 305 -4.43 -11.30 -6.34
C LEU A 305 -3.04 -11.75 -6.71
N ILE A 306 -2.11 -10.80 -6.67
CA ILE A 306 -0.71 -11.14 -6.68
C ILE A 306 -0.43 -11.02 -5.19
N SER A 307 0.00 -12.09 -4.55
CA SER A 307 0.26 -12.06 -3.11
C SER A 307 1.68 -12.41 -2.84
N CYS A 308 2.32 -11.63 -1.98
CA CYS A 308 3.75 -11.85 -1.70
C CYS A 308 4.04 -11.93 -0.22
N HIS A 309 5.00 -12.78 0.11
CA HIS A 309 5.38 -12.98 1.50
C HIS A 309 6.87 -12.98 1.71
N GLN A 310 7.25 -12.48 2.87
CA GLN A 310 8.61 -12.60 3.31
C GLN A 310 8.48 -13.51 4.53
N VAL A 311 9.18 -14.61 4.47
CA VAL A 311 9.12 -15.64 5.50
C VAL A 311 9.98 -15.40 6.73
N SER A 312 11.17 -14.87 6.59
CA SER A 312 11.96 -14.62 7.81
C SER A 312 12.69 -13.30 7.77
N GLY A 313 11.91 -12.24 7.88
CA GLY A 313 12.39 -10.89 7.90
C GLY A 313 11.31 -9.92 7.40
N THR A 314 11.57 -8.65 7.62
CA THR A 314 10.69 -7.59 7.21
C THR A 314 10.87 -7.28 5.74
N ARG A 315 10.04 -6.39 5.21
CA ARG A 315 10.17 -6.01 3.81
C ARG A 315 9.53 -4.65 3.52
N TYR A 316 10.32 -3.59 3.70
CA TYR A 316 9.90 -2.22 3.44
C TYR A 316 10.22 -1.97 1.97
N VAL A 317 9.28 -2.29 1.10
CA VAL A 317 9.53 -2.18 -0.33
C VAL A 317 9.59 -0.72 -0.77
N PRO A 318 10.65 -0.29 -1.45
CA PRO A 318 10.74 1.12 -1.86
C PRO A 318 9.57 1.52 -2.75
N TYR A 319 9.23 2.82 -2.75
CA TYR A 319 8.08 3.33 -3.51
C TYR A 319 8.11 3.03 -5.00
N GLU A 320 9.25 3.27 -5.67
CA GLU A 320 9.41 2.97 -7.09
C GLU A 320 9.14 1.51 -7.41
N VAL A 321 9.60 0.60 -6.56
CA VAL A 321 9.42 -0.81 -6.80
C VAL A 321 7.97 -1.19 -6.62
N ARG A 322 7.41 -0.74 -5.51
CA ARG A 322 6.02 -1.01 -5.18
C ARG A 322 5.10 -0.54 -6.29
N THR A 323 5.34 0.66 -6.79
N THR A 323 5.31 0.68 -6.80
CA THR A 323 4.52 1.26 -7.84
CA THR A 323 4.45 1.20 -7.87
C THR A 323 4.72 0.55 -9.19
C THR A 323 4.68 0.48 -9.19
N ALA A 324 5.92 0.07 -9.44
CA ALA A 324 6.21 -0.71 -10.64
C ALA A 324 5.40 -2.00 -10.57
N CYS A 325 5.37 -2.63 -9.40
CA CYS A 325 4.58 -3.84 -9.27
C CYS A 325 3.08 -3.59 -9.46
N GLU A 326 2.56 -2.48 -8.94
CA GLU A 326 1.13 -2.16 -9.14
C GLU A 326 0.91 -2.02 -10.63
N PHE A 327 1.85 -1.36 -11.31
CA PHE A 327 1.68 -1.14 -12.73
C PHE A 327 1.61 -2.48 -13.51
N LEU A 328 2.50 -3.41 -13.21
CA LEU A 328 2.49 -4.69 -13.88
C LEU A 328 1.18 -5.41 -13.59
N GLY A 329 0.65 -5.17 -12.39
CA GLY A 329 -0.63 -5.75 -12.03
C GLY A 329 -1.75 -5.20 -12.91
N GLU A 330 -1.69 -3.92 -13.21
CA GLU A 330 -2.68 -3.33 -14.06
C GLU A 330 -2.52 -3.92 -15.46
N VAL A 331 -1.27 -4.13 -15.90
CA VAL A 331 -1.07 -4.67 -17.21
C VAL A 331 -1.63 -6.06 -17.29
N MET A 332 -1.31 -6.89 -16.30
CA MET A 332 -1.81 -8.24 -16.29
C MET A 332 -3.32 -8.22 -16.32
N SER A 333 -3.91 -7.33 -15.54
CA SER A 333 -5.36 -7.24 -15.49
C SER A 333 -5.90 -6.88 -16.87
N SER A 334 -5.26 -5.96 -17.56
CA SER A 334 -5.74 -5.58 -18.88
C SER A 334 -5.66 -6.75 -19.86
N LEU A 335 -4.69 -7.64 -19.67
CA LEU A 335 -4.52 -8.81 -20.53
C LEU A 335 -5.32 -10.04 -20.15
N LEU A 336 -6.10 -9.99 -19.07
CA LEU A 336 -6.89 -11.17 -18.70
C LEU A 336 -7.98 -11.41 -19.72
N ALA A 337 -8.47 -10.34 -20.32
CA ALA A 337 -9.48 -10.44 -21.39
C ALA A 337 -8.95 -11.30 -22.56
N ALA A 338 -7.74 -10.99 -23.04
CA ALA A 338 -7.10 -11.72 -24.14
C ALA A 338 -6.67 -13.17 -23.79
N LYS A 339 -5.63 -13.31 -22.95
CA LYS A 339 -5.05 -14.62 -22.60
C LYS A 339 -5.82 -15.36 -21.51
CHA BLA B . -6.81 -10.15 4.26
NA BLA B . -6.18 -12.52 3.56
C1A BLA B . -6.11 -11.18 3.47
C2A BLA B . -5.20 -10.79 2.47
C3A BLA B . -4.73 -11.95 1.93
C4A BLA B . -5.32 -13.00 2.63
CMA BLA B . -3.77 -12.00 0.80
CAA BLA B . -4.84 -9.38 2.04
CBA BLA B . -3.70 -8.76 2.84
CGA BLA B . -2.34 -9.32 2.46
O1A BLA B . -1.94 -9.10 1.29
O2A BLA B . -1.66 -9.95 3.33
CHB BLA B . -5.19 -14.49 2.45
NB BLA B . -2.81 -14.70 1.46
C1B BLA B . -4.05 -15.15 1.78
C2B BLA B . -4.20 -16.47 1.40
C3B BLA B . -3.04 -16.86 0.80
C4B BLA B . -2.23 -15.75 0.89
CMB BLA B . -5.43 -17.34 1.55
OB BLA B . -0.89 -15.68 0.34
CAB BLA B . -2.79 -18.22 0.28
CBB BLA B . -1.61 -18.66 -0.12
NC BLA B . -8.75 -14.58 7.50
C1C BLA B . -9.12 -15.77 8.03
C2C BLA B . -10.24 -15.80 8.86
C3C BLA B . -10.62 -14.46 8.88
C4C BLA B . -9.69 -13.76 8.04
CMC BLA B . -10.83 -16.97 9.55
OC BLA B . -8.40 -17.00 7.71
CAC BLA B . -11.75 -13.77 9.63
CBC BLA B . -12.91 -14.62 10.14
CHD BLA B . -9.83 -12.28 7.87
ND BLA B . -8.10 -11.71 5.93
C1D BLA B . -9.04 -11.44 6.89
C2D BLA B . -9.27 -10.07 6.91
C3D BLA B . -8.46 -9.49 5.97
C4D BLA B . -7.76 -10.52 5.36
CMD BLA B . -10.19 -9.31 7.82
CAD BLA B . -8.39 -8.01 5.68
CBD BLA B . -7.07 -7.37 6.10
CGD BLA B . -7.07 -5.87 5.87
O1D BLA B . -7.01 -5.42 4.71
O2D BLA B . -7.14 -5.12 6.87
O1 SRT C . 10.81 -19.56 -9.90
O11 SRT C . 10.60 -20.37 -7.83
C1 SRT C . 11.17 -19.62 -8.68
C2 SRT C . 12.29 -18.72 -8.17
O2 SRT C . 13.42 -19.50 -7.70
C3 SRT C . 12.71 -17.69 -9.23
O3 SRT C . 11.82 -16.56 -9.08
C4 SRT C . 14.17 -17.32 -9.07
O4 SRT C . 14.94 -17.51 -10.05
O41 SRT C . 14.59 -16.82 -7.99
C1 EDO D . 13.00 -4.45 -22.68
O1 EDO D . 13.67 -3.48 -21.87
C2 EDO D . 12.76 -3.88 -24.09
O2 EDO D . 12.43 -2.49 -24.03
C1 GOL E . -18.15 -9.83 -2.82
O1 GOL E . -18.62 -11.19 -2.68
C2 GOL E . -17.20 -9.77 -4.00
O2 GOL E . -15.96 -10.40 -3.69
C3 GOL E . -16.94 -8.34 -4.45
O3 GOL E . -16.86 -8.44 -5.87
C1 GOL F . 0.49 -9.70 17.08
O1 GOL F . 1.29 -8.51 17.18
C2 GOL F . 0.71 -10.35 15.71
O2 GOL F . -0.12 -11.52 15.60
C3 GOL F . 2.18 -10.72 15.54
O3 GOL F . 2.36 -12.10 15.24
C1 GOL G . 16.06 -5.70 -3.23
O1 GOL G . 16.09 -6.82 -2.33
C2 GOL G . 16.04 -6.22 -4.67
O2 GOL G . 15.66 -7.60 -4.69
C3 GOL G . 17.42 -6.07 -5.30
O3 GOL G . 17.28 -6.17 -6.72
C1 GOL H . 7.40 -8.85 -28.06
O1 GOL H . 5.99 -8.97 -28.40
C2 GOL H . 7.68 -8.20 -26.68
O2 GOL H . 8.20 -9.23 -25.82
C3 GOL H . 8.73 -7.06 -26.70
O3 GOL H . 8.42 -5.95 -25.81
C1 GOL I . -6.71 3.81 -8.59
O1 GOL I . -7.66 3.59 -9.64
C2 GOL I . -6.51 2.47 -7.97
O2 GOL I . -7.63 2.18 -7.15
C3 GOL I . -5.25 2.43 -7.12
O3 GOL I . -5.62 1.45 -6.14
C1 GOL J . -12.18 7.39 -3.89
O1 GOL J . -13.09 8.31 -3.23
C2 GOL J . -10.99 8.04 -4.64
O2 GOL J . -9.87 8.33 -3.77
C3 GOL J . -10.54 7.11 -5.77
O3 GOL J . -9.11 7.17 -5.98
C1 GOL K . -15.38 2.78 0.78
O1 GOL K . -15.71 3.85 1.70
C2 GOL K . -15.57 1.38 1.41
O2 GOL K . -15.30 1.38 2.82
C3 GOL K . -14.66 0.32 0.80
O3 GOL K . -15.35 -0.92 0.51
C1 GOL L . -7.25 -29.95 -4.65
O1 GOL L . -8.37 -29.06 -4.54
C2 GOL L . -6.46 -29.94 -3.35
O2 GOL L . -5.64 -31.11 -3.26
C3 GOL L . -5.57 -28.69 -3.27
O3 GOL L . -5.86 -27.83 -2.13
C1 GOL M . 12.20 2.95 7.43
O1 GOL M . 10.97 3.26 6.76
C2 GOL M . 12.01 1.73 8.35
O2 GOL M . 13.02 0.76 8.05
C3 GOL M . 12.10 2.14 9.82
O3 GOL M . 12.30 0.98 10.66
C1 GOL N . 13.36 -11.36 -12.83
O1 GOL N . 12.57 -11.76 -13.97
C2 GOL N . 13.68 -9.84 -12.85
O2 GOL N . 12.60 -9.02 -12.35
C3 GOL N . 14.92 -9.54 -11.99
O3 GOL N . 14.79 -8.20 -11.47
C1 GOL O . 15.59 -13.41 -7.20
O1 GOL O . 14.62 -13.62 -8.27
C2 GOL O . 15.03 -12.59 -6.02
O2 GOL O . 15.86 -12.78 -4.85
C3 GOL O . 14.90 -11.10 -6.42
O3 GOL O . 15.68 -10.11 -5.71
C1 GOL P . 12.42 8.52 -3.69
O1 GOL P . 11.95 7.39 -2.90
C2 GOL P . 11.69 8.73 -5.03
O2 GOL P . 10.69 7.75 -5.29
C3 GOL P . 10.97 10.07 -5.10
O3 GOL P . 11.77 11.07 -5.76
C1 GOL Q . -14.96 10.16 -2.22
O1 GOL Q . -15.90 9.91 -1.16
C2 GOL Q . -14.94 11.59 -2.79
O2 GOL Q . -13.79 11.68 -3.66
C3 GOL Q . -14.98 12.75 -1.74
O3 GOL Q . -13.71 13.21 -1.18
C1 GOL R . 2.36 28.91 5.91
O1 GOL R . 2.81 28.60 4.58
C2 GOL R . 3.56 29.23 6.81
O2 GOL R . 4.53 29.96 6.02
C3 GOL R . 3.15 30.06 8.05
O3 GOL R . 3.51 29.36 9.27
C1 GOL S . -10.59 9.56 17.41
O1 GOL S . -10.51 10.89 17.91
C2 GOL S . -9.17 9.04 17.24
O2 GOL S . -8.30 9.56 18.27
C3 GOL S . -9.18 7.52 17.28
O3 GOL S . -7.85 7.01 17.20
#